data_6UVE
#
_entry.id   6UVE
#
_cell.length_a   148.571
_cell.length_b   148.571
_cell.length_c   57.448
_cell.angle_alpha   90.000
_cell.angle_beta   90.000
_cell.angle_gamma   90.000
#
_symmetry.space_group_name_H-M   'P 43 21 2'
#
loop_
_entity.id
_entity.type
_entity.pdbx_description
1 polymer 'Bcl-2-like protein 1'
2 non-polymer "(R)-3-(Benzylthio)-2-(3-(4-chloro-[1,1':2',1'':3'',1'''-quaterphenyl]-4'''-carbonyl)-3-(4-methylbenzyl)ureido)propanoic acid"
3 non-polymer 1,2-ETHANEDIOL
4 water water
#
_entity_poly.entity_id   1
_entity_poly.type   'polypeptide(L)'
_entity_poly.pdbx_seq_one_letter_code
;GPLGSMSQSNRELVVDFLSYKLSQKGYSWSQMAAVKQALREAGDEFELRYRRAFSDLTSQLHITPGTAYQSFEQVVNELF
RDGVNWGRIVAFFSFGGALCVESVDKEMQVLVSRIAAWMATYLNDHLEPWIQENGGWDTFVELYGNNAAAESRKGQER
;
_entity_poly.pdbx_strand_id   A,B,C
#
loop_
_chem_comp.id
_chem_comp.type
_chem_comp.name
_chem_comp.formula
EDO non-polymer 1,2-ETHANEDIOL 'C2 H6 O2'
QHV non-polymer '(R)-3-(Benzylthio)-2-(3-(4-chloro-[1,1':2',1'':3'',1'''-quaterphenyl]-4'''-carbonyl)-3-(4-methylbenzyl)ureido)propanoic acid' 'C44 H37 Cl N2 O4 S'
#
# COMPACT_ATOMS: atom_id res chain seq x y z
N SER A 5 -1.08 -5.52 -13.34
CA SER A 5 -2.41 -4.97 -13.07
C SER A 5 -3.29 -6.03 -12.36
N MET A 6 -3.90 -6.97 -13.13
CA MET A 6 -4.66 -8.12 -12.61
C MET A 6 -3.63 -9.14 -12.07
N SER A 7 -2.43 -9.17 -12.73
CA SER A 7 -1.23 -9.96 -12.51
C SER A 7 -0.48 -9.55 -11.25
N GLN A 8 -0.20 -8.24 -11.11
CA GLN A 8 0.50 -7.62 -9.95
C GLN A 8 -0.21 -7.99 -8.61
N SER A 9 -1.55 -7.90 -8.60
CA SER A 9 -2.33 -8.20 -7.40
C SER A 9 -2.03 -9.60 -6.91
N ASN A 10 -2.08 -10.60 -7.81
CA ASN A 10 -1.78 -11.98 -7.48
C ASN A 10 -0.35 -12.17 -6.98
N ARG A 11 0.62 -11.45 -7.61
CA ARG A 11 2.02 -11.47 -7.20
C ARG A 11 2.12 -10.95 -5.77
N GLU A 12 1.35 -9.91 -5.43
CA GLU A 12 1.28 -9.23 -4.12
C GLU A 12 0.63 -10.14 -3.04
N LEU A 13 -0.37 -10.92 -3.47
CA LEU A 13 -1.08 -11.91 -2.64
C LEU A 13 -0.14 -13.08 -2.30
N VAL A 14 0.52 -13.70 -3.33
CA VAL A 14 1.49 -14.78 -3.18
C VAL A 14 2.58 -14.31 -2.21
N VAL A 15 3.15 -13.09 -2.42
CA VAL A 15 4.20 -12.58 -1.52
C VAL A 15 3.69 -12.44 -0.11
N ASP A 16 2.52 -11.81 0.10
CA ASP A 16 1.97 -11.65 1.45
C ASP A 16 1.74 -12.98 2.18
N PHE A 17 1.15 -13.98 1.49
CA PHE A 17 0.87 -15.28 2.07
C PHE A 17 2.16 -16.00 2.47
N LEU A 18 3.11 -16.13 1.52
CA LEU A 18 4.39 -16.77 1.73
C LEU A 18 5.18 -16.09 2.84
N SER A 19 5.12 -14.75 2.92
CA SER A 19 5.74 -13.95 3.98
C SER A 19 5.23 -14.47 5.33
N TYR A 20 3.89 -14.55 5.43
CA TYR A 20 3.16 -15.01 6.60
C TYR A 20 3.53 -16.40 7.04
N LYS A 21 3.49 -17.36 6.12
CA LYS A 21 3.82 -18.75 6.45
C LYS A 21 5.27 -18.90 6.84
N LEU A 22 6.18 -18.10 6.22
CA LEU A 22 7.58 -18.13 6.58
C LEU A 22 7.69 -17.65 8.03
N SER A 23 7.11 -16.49 8.35
CA SER A 23 7.02 -15.85 9.66
C SER A 23 6.65 -16.83 10.78
N GLN A 24 5.65 -17.68 10.49
CA GLN A 24 5.10 -18.67 11.40
C GLN A 24 6.10 -19.75 11.79
N LYS A 25 7.24 -19.84 11.07
CA LYS A 25 8.32 -20.81 11.33
C LYS A 25 9.61 -20.12 11.73
N GLY A 26 9.54 -18.80 11.96
CA GLY A 26 10.69 -18.00 12.37
C GLY A 26 11.62 -17.62 11.22
N TYR A 27 11.12 -17.74 9.99
CA TYR A 27 11.83 -17.40 8.75
C TYR A 27 11.22 -16.10 8.24
N SER A 28 11.90 -15.38 7.36
CA SER A 28 11.35 -14.15 6.77
C SER A 28 11.57 -14.09 5.26
N TRP A 29 10.57 -13.53 4.54
CA TRP A 29 10.56 -13.36 3.10
C TRP A 29 11.66 -12.39 2.68
N SER A 30 11.77 -11.27 3.42
CA SER A 30 12.71 -10.18 3.19
C SER A 30 12.97 -9.47 4.50
N GLN A 31 13.92 -8.52 4.48
CA GLN A 31 14.22 -7.71 5.64
C GLN A 31 13.04 -6.82 5.96
N MET A 32 12.35 -6.27 4.92
CA MET A 32 11.16 -5.44 5.11
C MET A 32 10.01 -6.23 5.74
N ALA A 33 9.82 -7.48 5.31
CA ALA A 33 8.82 -8.35 5.85
C ALA A 33 9.14 -8.66 7.29
N ALA A 34 10.42 -8.64 7.66
CA ALA A 34 10.84 -8.87 9.03
C ALA A 34 10.53 -7.66 9.89
N VAL A 35 10.80 -6.44 9.37
CA VAL A 35 10.54 -5.15 10.04
C VAL A 35 9.06 -5.05 10.36
N LYS A 36 8.21 -5.23 9.35
CA LYS A 36 6.75 -5.21 9.48
C LYS A 36 6.25 -6.16 10.58
N GLN A 37 6.70 -7.44 10.55
CA GLN A 37 6.40 -8.49 11.54
C GLN A 37 6.73 -8.04 12.95
N ALA A 38 7.96 -7.52 13.18
CA ALA A 38 8.37 -7.01 14.50
C ALA A 38 7.52 -5.80 14.93
N LEU A 39 7.18 -4.90 13.97
CA LEU A 39 6.43 -3.69 14.25
C LEU A 39 4.98 -3.98 14.72
N ARG A 40 4.34 -4.96 14.07
CA ARG A 40 3.00 -5.48 14.39
C ARG A 40 3.04 -6.13 15.79
N GLU A 41 3.99 -7.05 16.00
CA GLU A 41 4.23 -7.76 17.24
C GLU A 41 4.45 -6.79 18.44
N ALA A 42 5.35 -5.81 18.23
CA ALA A 42 5.72 -4.77 19.17
C ALA A 42 4.49 -3.95 19.55
N GLY A 43 3.71 -3.52 18.53
CA GLY A 43 2.46 -2.82 18.71
C GLY A 43 1.50 -3.64 19.54
N ASP A 44 1.31 -4.94 19.19
CA ASP A 44 0.47 -5.87 19.94
C ASP A 44 0.89 -5.91 21.42
N GLU A 45 2.22 -6.03 21.67
CA GLU A 45 2.75 -6.09 23.03
C GLU A 45 2.51 -4.79 23.78
N PHE A 46 2.82 -3.63 23.15
CA PHE A 46 2.61 -2.30 23.73
C PHE A 46 1.14 -2.12 24.12
N GLU A 47 0.21 -2.42 23.20
CA GLU A 47 -1.24 -2.32 23.41
C GLU A 47 -1.76 -3.22 24.53
N LEU A 48 -1.10 -4.36 24.74
CA LEU A 48 -1.48 -5.27 25.79
C LEU A 48 -0.99 -4.78 27.16
N ARG A 49 0.24 -4.20 27.20
CA ARG A 49 0.83 -3.70 28.42
C ARG A 49 0.11 -2.42 28.84
N TYR A 50 0.09 -1.41 27.95
CA TYR A 50 -0.57 -0.13 28.21
C TYR A 50 -1.98 -0.08 27.62
N ARG A 51 -2.88 -0.90 28.19
CA ARG A 51 -4.27 -1.02 27.77
C ARG A 51 -5.13 0.17 28.17
N ARG A 52 -4.73 0.93 29.22
CA ARG A 52 -5.46 2.12 29.68
C ARG A 52 -5.34 3.37 28.71
N ALA A 53 -4.37 3.34 27.75
CA ALA A 53 -4.10 4.36 26.72
C ALA A 53 -5.34 4.64 25.85
N HIS A 62 -7.85 13.59 19.54
CA HIS A 62 -9.30 13.64 19.34
C HIS A 62 -9.73 14.21 17.94
N ILE A 63 -9.51 13.36 16.92
CA ILE A 63 -9.65 13.53 15.47
C ILE A 63 -11.08 13.86 14.99
N THR A 64 -11.16 14.80 14.03
CA THR A 64 -12.37 15.33 13.35
C THR A 64 -11.93 15.78 11.92
N PRO A 65 -12.84 16.02 10.94
CA PRO A 65 -12.40 16.41 9.60
C PRO A 65 -11.85 17.85 9.49
N GLY A 66 -11.70 18.52 10.64
CA GLY A 66 -11.19 19.88 10.78
C GLY A 66 -9.85 19.97 11.48
N THR A 67 -9.43 18.84 12.13
CA THR A 67 -8.14 18.68 12.85
C THR A 67 -6.96 18.95 11.92
N ALA A 68 -6.06 19.86 12.36
CA ALA A 68 -4.83 20.21 11.63
C ALA A 68 -3.70 19.24 12.03
N TYR A 69 -2.60 19.24 11.25
CA TYR A 69 -1.45 18.40 11.55
C TYR A 69 -0.82 18.87 12.85
N GLN A 70 -0.85 20.20 13.11
CA GLN A 70 -0.32 20.81 14.32
C GLN A 70 -0.96 20.22 15.61
N SER A 71 -2.26 19.83 15.55
CA SER A 71 -2.99 19.23 16.67
C SER A 71 -2.38 17.86 16.99
N PHE A 72 -2.13 17.04 15.94
CA PHE A 72 -1.51 15.72 16.03
C PHE A 72 -0.05 15.85 16.50
N GLU A 73 0.74 16.66 15.78
CA GLU A 73 2.15 16.96 16.01
C GLU A 73 2.44 17.38 17.47
N GLN A 74 1.54 18.20 18.09
CA GLN A 74 1.68 18.62 19.48
C GLN A 74 1.53 17.41 20.43
N VAL A 75 0.48 16.56 20.24
CA VAL A 75 0.23 15.37 21.06
C VAL A 75 1.39 14.34 20.92
N VAL A 76 1.91 14.18 19.69
CA VAL A 76 3.05 13.29 19.40
C VAL A 76 4.34 13.88 19.99
N ASN A 77 4.48 15.22 20.05
CA ASN A 77 5.62 15.89 20.68
C ASN A 77 5.64 15.66 22.21
N GLU A 78 4.46 15.36 22.80
CA GLU A 78 4.35 15.02 24.21
C GLU A 78 4.93 13.62 24.42
N LEU A 79 4.74 12.73 23.42
CA LEU A 79 5.26 11.35 23.43
C LEU A 79 6.80 11.38 23.42
N PHE A 80 7.38 12.17 22.51
CA PHE A 80 8.83 12.31 22.39
C PHE A 80 9.33 13.56 23.17
N ARG A 81 8.74 13.77 24.39
CA ARG A 81 9.06 14.84 25.34
C ARG A 81 10.54 14.67 25.76
N ASP A 82 10.83 13.53 26.43
CA ASP A 82 12.13 13.16 26.97
C ASP A 82 13.09 12.56 25.92
N GLY A 83 12.67 12.45 24.67
CA GLY A 83 13.51 11.91 23.60
C GLY A 83 12.98 10.67 22.91
N VAL A 84 13.62 10.31 21.78
CA VAL A 84 13.26 9.18 20.93
C VAL A 84 13.98 7.93 21.40
N ASN A 85 13.27 6.79 21.36
CA ASN A 85 13.77 5.45 21.61
C ASN A 85 12.88 4.49 20.86
N TRP A 86 13.25 3.20 20.75
CA TRP A 86 12.46 2.23 19.98
C TRP A 86 11.06 1.98 20.60
N GLY A 87 11.00 1.94 21.93
CA GLY A 87 9.75 1.76 22.66
C GLY A 87 8.76 2.88 22.36
N ARG A 88 9.30 4.11 22.28
CA ARG A 88 8.52 5.31 21.99
C ARG A 88 8.10 5.39 20.52
N ILE A 89 8.91 4.83 19.59
CA ILE A 89 8.55 4.77 18.18
C ILE A 89 7.37 3.81 18.01
N VAL A 90 7.44 2.64 18.70
CA VAL A 90 6.37 1.64 18.74
C VAL A 90 5.07 2.31 19.26
N ALA A 91 5.18 3.13 20.33
CA ALA A 91 4.02 3.82 20.89
C ALA A 91 3.41 4.79 19.87
N PHE A 92 4.25 5.43 19.04
CA PHE A 92 3.83 6.37 17.98
C PHE A 92 2.98 5.63 16.95
N PHE A 93 3.47 4.47 16.45
CA PHE A 93 2.76 3.63 15.51
C PHE A 93 1.44 3.18 16.10
N SER A 94 1.46 2.72 17.37
CA SER A 94 0.29 2.28 18.13
C SER A 94 -0.75 3.40 18.23
N PHE A 95 -0.30 4.65 18.49
CA PHE A 95 -1.13 5.84 18.62
C PHE A 95 -1.83 6.18 17.31
N GLY A 96 -1.08 6.15 16.21
CA GLY A 96 -1.61 6.41 14.89
C GLY A 96 -2.67 5.41 14.48
N GLY A 97 -2.44 4.14 14.82
CA GLY A 97 -3.35 3.04 14.55
C GLY A 97 -4.63 3.16 15.36
N ALA A 98 -4.51 3.67 16.61
CA ALA A 98 -5.66 3.87 17.51
C ALA A 98 -6.53 5.00 16.96
N LEU A 99 -5.89 6.06 16.39
CA LEU A 99 -6.57 7.18 15.76
C LEU A 99 -7.37 6.70 14.54
N CYS A 100 -6.75 5.83 13.72
CA CYS A 100 -7.38 5.30 12.52
C CYS A 100 -8.64 4.50 12.88
N VAL A 101 -8.51 3.60 13.88
CA VAL A 101 -9.59 2.75 14.38
C VAL A 101 -10.72 3.62 14.93
N GLU A 102 -10.39 4.70 15.69
CA GLU A 102 -11.35 5.67 16.25
C GLU A 102 -12.15 6.33 15.14
N SER A 103 -11.45 6.74 14.07
CA SER A 103 -12.04 7.34 12.88
C SER A 103 -13.02 6.38 12.19
N VAL A 104 -12.65 5.07 12.02
CA VAL A 104 -13.55 4.13 11.36
C VAL A 104 -14.79 3.86 12.23
N ASP A 105 -14.59 3.68 13.56
CA ASP A 105 -15.68 3.49 14.57
C ASP A 105 -16.67 4.67 14.50
N LYS A 106 -16.14 5.91 14.41
CA LYS A 106 -16.91 7.18 14.31
C LYS A 106 -17.46 7.45 12.89
N GLU A 107 -17.35 6.46 11.96
CA GLU A 107 -17.81 6.53 10.56
C GLU A 107 -17.09 7.60 9.69
N MET A 108 -15.86 8.01 10.09
CA MET A 108 -15.03 8.99 9.39
C MET A 108 -13.79 8.31 8.79
N GLN A 109 -13.94 7.17 8.06
CA GLN A 109 -12.83 6.42 7.40
C GLN A 109 -12.03 7.30 6.45
N VAL A 110 -12.69 8.33 5.91
CA VAL A 110 -12.19 9.33 4.97
C VAL A 110 -10.84 9.94 5.45
N LEU A 111 -10.58 9.91 6.77
CA LEU A 111 -9.44 10.52 7.46
C LEU A 111 -8.30 9.57 7.78
N VAL A 112 -8.50 8.29 7.53
CA VAL A 112 -7.49 7.24 7.72
C VAL A 112 -6.27 7.59 6.82
N SER A 113 -6.48 8.16 5.61
CA SER A 113 -5.36 8.56 4.74
C SER A 113 -4.66 9.82 5.29
N ARG A 114 -5.45 10.74 5.87
CA ARG A 114 -4.91 11.93 6.54
C ARG A 114 -3.97 11.51 7.70
N ILE A 115 -4.46 10.64 8.60
CA ILE A 115 -3.68 10.13 9.72
C ILE A 115 -2.38 9.48 9.18
N ALA A 116 -2.50 8.63 8.13
CA ALA A 116 -1.32 7.97 7.50
C ALA A 116 -0.34 9.02 6.96
N ALA A 117 -0.85 10.09 6.34
CA ALA A 117 -0.05 11.19 5.79
C ALA A 117 0.68 11.93 6.93
N TRP A 118 0.01 12.09 8.08
CA TRP A 118 0.53 12.75 9.28
C TRP A 118 1.62 11.96 9.94
N MET A 119 1.47 10.63 9.93
CA MET A 119 2.41 9.68 10.49
C MET A 119 3.68 9.64 9.66
N ALA A 120 3.54 9.75 8.32
CA ALA A 120 4.66 9.77 7.39
C ALA A 120 5.37 11.13 7.49
N THR A 121 4.60 12.22 7.74
CA THR A 121 5.17 13.55 7.92
C THR A 121 5.97 13.57 9.23
N TYR A 122 5.36 13.13 10.35
CA TYR A 122 6.00 13.12 11.66
C TYR A 122 7.22 12.22 11.68
N LEU A 123 7.16 11.05 11.01
CA LEU A 123 8.28 10.12 10.91
C LEU A 123 9.45 10.75 10.19
N ASN A 124 9.19 11.38 9.04
CA ASN A 124 10.22 11.95 8.18
C ASN A 124 10.96 13.09 8.82
N ASP A 125 10.21 14.06 9.32
CA ASP A 125 10.73 15.28 9.89
C ASP A 125 11.36 15.10 11.26
N HIS A 126 10.85 14.20 12.09
CA HIS A 126 11.35 14.10 13.44
C HIS A 126 12.03 12.78 13.81
N LEU A 127 11.64 11.67 13.19
CA LEU A 127 12.17 10.38 13.64
C LEU A 127 13.15 9.69 12.71
N GLU A 128 13.02 9.87 11.36
CA GLU A 128 13.95 9.24 10.41
C GLU A 128 15.42 9.62 10.72
N PRO A 129 15.77 10.89 11.07
CA PRO A 129 17.17 11.16 11.46
C PRO A 129 17.64 10.25 12.60
N TRP A 130 16.86 10.16 13.71
CA TRP A 130 17.18 9.29 14.86
C TRP A 130 17.28 7.83 14.43
N ILE A 131 16.31 7.37 13.65
CA ILE A 131 16.27 5.98 13.19
C ILE A 131 17.56 5.65 12.43
N GLN A 132 18.00 6.56 11.52
CA GLN A 132 19.21 6.34 10.73
C GLN A 132 20.43 6.38 11.58
N GLU A 133 20.48 7.26 12.61
CA GLU A 133 21.66 7.37 13.51
C GLU A 133 21.81 6.15 14.43
N ASN A 134 20.69 5.46 14.79
CA ASN A 134 20.68 4.32 15.70
C ASN A 134 20.61 2.93 15.01
N GLY A 135 21.19 2.84 13.82
CA GLY A 135 21.33 1.61 13.07
C GLY A 135 20.17 1.20 12.20
N GLY A 136 19.24 2.11 11.96
CA GLY A 136 18.08 1.82 11.12
C GLY A 136 17.11 0.83 11.69
N TRP A 137 16.12 0.45 10.86
CA TRP A 137 15.07 -0.50 11.23
C TRP A 137 15.62 -1.92 11.43
N ASP A 138 16.74 -2.25 10.78
CA ASP A 138 17.42 -3.54 10.91
C ASP A 138 17.83 -3.79 12.36
N THR A 139 18.22 -2.70 13.08
CA THR A 139 18.61 -2.70 14.50
C THR A 139 17.39 -2.94 15.40
N PHE A 140 16.22 -2.35 15.04
CA PHE A 140 14.98 -2.56 15.77
C PHE A 140 14.61 -4.05 15.73
N VAL A 141 14.69 -4.69 14.54
CA VAL A 141 14.43 -6.13 14.33
C VAL A 141 15.38 -6.96 15.19
N GLU A 142 16.69 -6.63 15.13
CA GLU A 142 17.81 -7.25 15.87
C GLU A 142 17.53 -7.23 17.39
N LEU A 143 17.05 -6.10 17.94
CA LEU A 143 16.68 -5.88 19.35
C LEU A 143 15.35 -6.51 19.74
N TYR A 144 14.29 -6.25 18.95
CA TYR A 144 12.95 -6.73 19.27
C TYR A 144 12.86 -8.27 19.23
N GLY A 145 13.24 -8.87 18.09
CA GLY A 145 13.25 -10.32 17.88
C GLY A 145 14.56 -10.98 18.22
N SER B 9 9.81 3.43 2.06
CA SER B 9 9.88 2.32 3.00
C SER B 9 9.02 2.62 4.23
N ASN B 10 9.19 3.85 4.82
CA ASN B 10 8.43 4.26 6.01
C ASN B 10 6.94 4.37 5.72
N ARG B 11 6.58 4.80 4.49
CA ARG B 11 5.18 4.84 4.11
C ARG B 11 4.65 3.40 4.07
N GLU B 12 5.46 2.45 3.55
CA GLU B 12 5.12 1.03 3.45
C GLU B 12 4.91 0.39 4.83
N LEU B 13 5.71 0.86 5.80
CA LEU B 13 5.66 0.46 7.20
C LEU B 13 4.41 1.00 7.87
N VAL B 14 4.13 2.32 7.75
CA VAL B 14 2.93 3.00 8.27
C VAL B 14 1.70 2.30 7.71
N VAL B 15 1.62 2.12 6.36
CA VAL B 15 0.50 1.43 5.71
C VAL B 15 0.31 0.03 6.28
N ASP B 16 1.39 -0.79 6.34
CA ASP B 16 1.30 -2.16 6.87
C ASP B 16 0.78 -2.20 8.31
N PHE B 17 1.29 -1.32 9.19
CA PHE B 17 0.88 -1.29 10.58
C PHE B 17 -0.60 -0.93 10.73
N LEU B 18 -1.02 0.18 10.11
CA LEU B 18 -2.39 0.66 10.12
C LEU B 18 -3.35 -0.37 9.54
N SER B 19 -2.92 -1.07 8.47
CA SER B 19 -3.69 -2.15 7.84
C SER B 19 -4.00 -3.19 8.89
N TYR B 20 -2.94 -3.63 9.60
CA TYR B 20 -2.95 -4.63 10.65
C TYR B 20 -3.87 -4.25 11.79
N LYS B 21 -3.74 -3.05 12.33
CA LYS B 21 -4.56 -2.62 13.45
C LYS B 21 -6.02 -2.51 13.03
N LEU B 22 -6.28 -2.08 11.77
CA LEU B 22 -7.64 -1.98 11.28
C LEU B 22 -8.22 -3.39 11.27
N SER B 23 -7.54 -4.34 10.59
CA SER B 23 -7.88 -5.76 10.50
C SER B 23 -8.30 -6.38 11.87
N GLN B 24 -7.54 -6.05 12.93
CA GLN B 24 -7.75 -6.53 14.30
C GLN B 24 -9.07 -6.10 14.90
N LYS B 25 -9.78 -5.15 14.23
CA LYS B 25 -11.10 -4.65 14.66
C LYS B 25 -12.15 -4.98 13.62
N GLY B 26 -11.77 -5.75 12.60
CA GLY B 26 -12.69 -6.16 11.54
C GLY B 26 -12.89 -5.13 10.47
N TYR B 27 -12.01 -4.13 10.43
CA TYR B 27 -11.99 -3.03 9.47
C TYR B 27 -10.90 -3.31 8.47
N SER B 28 -10.89 -2.64 7.31
CA SER B 28 -9.79 -2.86 6.37
C SER B 28 -9.27 -1.56 5.76
N TRP B 29 -7.94 -1.51 5.52
CA TRP B 29 -7.22 -0.40 4.91
C TRP B 29 -7.66 -0.23 3.46
N SER B 30 -7.75 -1.38 2.74
CA SER B 30 -8.11 -1.51 1.33
C SER B 30 -8.72 -2.88 1.07
N GLN B 31 -9.16 -3.12 -0.17
CA GLN B 31 -9.74 -4.39 -0.63
C GLN B 31 -8.61 -5.42 -0.65
N MET B 32 -7.41 -4.98 -1.12
CA MET B 32 -6.26 -5.85 -1.17
C MET B 32 -5.90 -6.30 0.24
N ALA B 33 -5.88 -5.39 1.20
CA ALA B 33 -5.56 -5.66 2.60
C ALA B 33 -6.63 -6.60 3.19
N ALA B 34 -7.90 -6.49 2.69
CA ALA B 34 -9.00 -7.34 3.12
C ALA B 34 -8.81 -8.77 2.58
N VAL B 35 -8.30 -8.91 1.32
CA VAL B 35 -8.02 -10.22 0.68
C VAL B 35 -6.85 -10.94 1.33
N LYS B 36 -5.71 -10.23 1.59
CA LYS B 36 -4.51 -10.75 2.25
C LYS B 36 -4.84 -11.34 3.60
N GLN B 37 -5.61 -10.60 4.41
CA GLN B 37 -6.05 -11.10 5.69
C GLN B 37 -6.91 -12.41 5.59
N ALA B 38 -7.91 -12.42 4.70
CA ALA B 38 -8.78 -13.58 4.52
C ALA B 38 -7.95 -14.81 4.15
N LEU B 39 -6.97 -14.67 3.20
CA LEU B 39 -6.09 -15.80 2.82
C LEU B 39 -5.24 -16.30 3.99
N ARG B 40 -4.65 -15.41 4.77
CA ARG B 40 -3.86 -15.76 5.94
C ARG B 40 -4.71 -16.66 6.87
N GLU B 41 -5.87 -16.13 7.26
CA GLU B 41 -6.87 -16.79 8.12
C GLU B 41 -7.33 -18.14 7.57
N ALA B 42 -7.73 -18.14 6.30
CA ALA B 42 -8.20 -19.28 5.53
C ALA B 42 -7.10 -20.35 5.48
N GLY B 43 -5.86 -19.96 5.15
CA GLY B 43 -4.70 -20.83 5.16
C GLY B 43 -4.51 -21.44 6.53
N ASP B 44 -4.54 -20.60 7.60
CA ASP B 44 -4.45 -21.08 8.98
C ASP B 44 -5.51 -22.14 9.26
N GLU B 45 -6.77 -21.87 8.85
CA GLU B 45 -7.87 -22.81 9.07
C GLU B 45 -7.69 -24.09 8.31
N PHE B 46 -7.34 -24.00 7.03
CA PHE B 46 -7.09 -25.17 6.17
C PHE B 46 -6.01 -26.05 6.79
N GLU B 47 -4.86 -25.45 7.16
CA GLU B 47 -3.72 -26.16 7.73
C GLU B 47 -4.06 -26.82 9.07
N LEU B 48 -5.02 -26.26 9.82
CA LEU B 48 -5.45 -26.80 11.10
C LEU B 48 -6.43 -27.93 10.90
N ARG B 49 -7.32 -27.83 9.88
CA ARG B 49 -8.33 -28.83 9.52
C ARG B 49 -7.68 -30.06 8.85
N TYR B 50 -6.58 -29.85 8.11
CA TYR B 50 -5.88 -30.90 7.39
C TYR B 50 -4.44 -31.10 7.94
N ARG B 51 -4.24 -30.84 9.26
CA ARG B 51 -2.97 -31.04 9.99
C ARG B 51 -2.72 -32.52 10.08
N ARG B 52 -1.45 -32.95 9.81
CA ARG B 52 -0.99 -34.38 9.83
C ARG B 52 -1.73 -35.24 8.79
N ALA B 53 -2.59 -34.58 7.98
CA ALA B 53 -3.34 -35.12 6.86
C ALA B 53 -2.55 -34.68 5.62
N PHE B 54 -1.26 -34.30 5.86
CA PHE B 54 -0.24 -33.94 4.89
C PHE B 54 0.96 -34.89 5.04
N ILE B 63 10.63 -31.82 -4.75
CA ILE B 63 11.32 -30.54 -4.94
C ILE B 63 12.85 -30.66 -4.79
N THR B 64 13.58 -29.97 -5.69
CA THR B 64 15.05 -29.92 -5.80
C THR B 64 15.45 -28.64 -6.58
N PRO B 65 16.74 -28.20 -6.60
CA PRO B 65 17.10 -26.98 -7.34
C PRO B 65 17.09 -27.10 -8.87
N GLY B 66 16.56 -28.19 -9.35
CA GLY B 66 16.46 -28.49 -10.78
C GLY B 66 15.04 -28.66 -11.25
N THR B 67 14.08 -28.68 -10.29
CA THR B 67 12.63 -28.78 -10.50
C THR B 67 12.15 -27.61 -11.39
N ALA B 68 11.48 -27.97 -12.50
CA ALA B 68 10.88 -27.05 -13.48
C ALA B 68 9.49 -26.64 -13.02
N TYR B 69 8.90 -25.63 -13.70
CA TYR B 69 7.56 -25.17 -13.38
C TYR B 69 6.57 -26.26 -13.71
N GLN B 70 6.84 -27.01 -14.78
CA GLN B 70 6.00 -28.14 -15.23
C GLN B 70 5.80 -29.21 -14.14
N SER B 71 6.84 -29.45 -13.31
CA SER B 71 6.77 -30.41 -12.21
C SER B 71 5.78 -29.94 -11.16
N PHE B 72 5.83 -28.64 -10.80
CA PHE B 72 4.95 -27.97 -9.83
C PHE B 72 3.53 -27.93 -10.39
N GLU B 73 3.38 -27.37 -11.62
CA GLU B 73 2.14 -27.22 -12.35
C GLU B 73 1.33 -28.55 -12.40
N GLN B 74 2.03 -29.70 -12.50
CA GLN B 74 1.41 -31.02 -12.55
C GLN B 74 0.81 -31.38 -11.19
N VAL B 75 1.59 -31.19 -10.12
CA VAL B 75 1.15 -31.48 -8.75
C VAL B 75 -0.05 -30.62 -8.37
N VAL B 76 -0.04 -29.37 -8.79
CA VAL B 76 -1.12 -28.42 -8.54
C VAL B 76 -2.36 -28.78 -9.42
N ASN B 77 -2.11 -29.30 -10.64
CA ASN B 77 -3.20 -29.77 -11.52
C ASN B 77 -3.92 -30.98 -10.90
N GLU B 78 -3.24 -31.72 -10.01
CA GLU B 78 -3.85 -32.83 -9.28
C GLU B 78 -4.79 -32.27 -8.21
N LEU B 79 -4.42 -31.12 -7.62
CA LEU B 79 -5.22 -30.43 -6.60
C LEU B 79 -6.55 -30.00 -7.21
N PHE B 80 -6.51 -29.37 -8.40
CA PHE B 80 -7.70 -28.87 -9.08
C PHE B 80 -8.36 -29.91 -10.02
N ARG B 81 -8.02 -31.21 -9.87
CA ARG B 81 -8.52 -32.32 -10.71
C ARG B 81 -10.03 -32.26 -10.95
N ASP B 82 -10.84 -32.12 -9.89
CA ASP B 82 -12.31 -32.07 -9.98
C ASP B 82 -12.86 -30.63 -10.12
N GLY B 83 -11.97 -29.67 -10.37
CA GLY B 83 -12.31 -28.27 -10.57
C GLY B 83 -11.75 -27.29 -9.56
N VAL B 84 -11.92 -26.00 -9.88
CA VAL B 84 -11.53 -24.84 -9.09
C VAL B 84 -12.71 -24.46 -8.18
N ASN B 85 -12.40 -24.11 -6.93
CA ASN B 85 -13.30 -23.59 -5.92
C ASN B 85 -12.48 -22.79 -4.96
N TRP B 86 -13.11 -21.99 -4.07
CA TRP B 86 -12.35 -21.16 -3.13
C TRP B 86 -11.54 -21.96 -2.12
N GLY B 87 -12.11 -23.07 -1.64
CA GLY B 87 -11.47 -24.00 -0.72
C GLY B 87 -10.19 -24.56 -1.30
N ARG B 88 -10.23 -24.88 -2.59
CA ARG B 88 -9.11 -25.44 -3.34
C ARG B 88 -8.06 -24.36 -3.67
N ILE B 89 -8.48 -23.09 -3.84
CA ILE B 89 -7.54 -22.00 -4.05
C ILE B 89 -6.75 -21.78 -2.77
N VAL B 90 -7.43 -21.79 -1.62
CA VAL B 90 -6.81 -21.71 -0.28
C VAL B 90 -5.78 -22.86 -0.11
N ALA B 91 -6.13 -24.09 -0.54
CA ALA B 91 -5.24 -25.24 -0.46
C ALA B 91 -3.99 -25.03 -1.32
N PHE B 92 -4.13 -24.36 -2.48
CA PHE B 92 -3.04 -24.04 -3.42
C PHE B 92 -2.05 -23.12 -2.73
N PHE B 93 -2.53 -22.04 -2.11
CA PHE B 93 -1.73 -21.09 -1.35
C PHE B 93 -1.02 -21.81 -0.22
N SER B 94 -1.77 -22.62 0.53
CA SER B 94 -1.25 -23.41 1.63
C SER B 94 -0.10 -24.36 1.18
N PHE B 95 -0.27 -24.99 0.01
CA PHE B 95 0.69 -25.92 -0.59
C PHE B 95 1.98 -25.19 -0.98
N GLY B 96 1.84 -24.02 -1.62
CA GLY B 96 2.98 -23.20 -1.99
C GLY B 96 3.78 -22.77 -0.78
N GLY B 97 3.09 -22.38 0.32
CA GLY B 97 3.71 -21.96 1.56
C GLY B 97 4.43 -23.10 2.25
N ALA B 98 3.87 -24.32 2.16
CA ALA B 98 4.47 -25.54 2.74
C ALA B 98 5.74 -25.89 1.99
N LEU B 99 5.75 -25.71 0.64
CA LEU B 99 6.91 -25.93 -0.22
C LEU B 99 8.00 -24.97 0.15
N CYS B 100 7.66 -23.67 0.37
CA CYS B 100 8.63 -22.65 0.73
C CYS B 100 9.34 -23.00 2.04
N VAL B 101 8.53 -23.35 3.06
CA VAL B 101 9.02 -23.72 4.38
C VAL B 101 9.92 -24.96 4.30
N GLU B 102 9.51 -25.97 3.50
CA GLU B 102 10.28 -27.21 3.26
C GLU B 102 11.64 -26.87 2.65
N SER B 103 11.65 -25.96 1.67
CA SER B 103 12.85 -25.50 0.99
C SER B 103 13.78 -24.82 1.96
N VAL B 104 13.29 -23.94 2.86
CA VAL B 104 14.18 -23.27 3.83
C VAL B 104 14.77 -24.29 4.81
N ASP B 105 13.92 -25.22 5.35
CA ASP B 105 14.31 -26.31 6.27
C ASP B 105 15.43 -27.18 5.64
N LYS B 106 15.28 -27.52 4.34
CA LYS B 106 16.20 -28.30 3.51
C LYS B 106 17.42 -27.48 2.99
N GLU B 107 17.59 -26.22 3.46
CA GLU B 107 18.67 -25.28 3.12
C GLU B 107 18.68 -24.84 1.62
N MET B 108 17.53 -24.96 0.94
CA MET B 108 17.39 -24.57 -0.47
C MET B 108 16.54 -23.28 -0.56
N GLN B 109 16.93 -22.21 0.20
CA GLN B 109 16.24 -20.90 0.24
C GLN B 109 16.07 -20.26 -1.17
N VAL B 110 16.89 -20.74 -2.14
CA VAL B 110 16.93 -20.40 -3.58
C VAL B 110 15.54 -20.53 -4.17
N LEU B 111 14.92 -21.67 -3.84
CA LEU B 111 13.63 -22.08 -4.33
C LEU B 111 12.46 -21.21 -3.91
N VAL B 112 12.58 -20.41 -2.82
CA VAL B 112 11.48 -19.57 -2.29
C VAL B 112 11.01 -18.51 -3.32
N SER B 113 11.98 -17.82 -3.96
CA SER B 113 11.73 -16.82 -4.99
C SER B 113 11.00 -17.45 -6.18
N ARG B 114 11.46 -18.67 -6.63
CA ARG B 114 10.92 -19.50 -7.72
C ARG B 114 9.53 -19.98 -7.42
N ILE B 115 9.31 -20.62 -6.25
CA ILE B 115 8.00 -21.13 -5.82
C ILE B 115 7.00 -19.99 -5.92
N ALA B 116 7.34 -18.77 -5.41
CA ALA B 116 6.46 -17.62 -5.46
C ALA B 116 6.12 -17.23 -6.90
N ALA B 117 7.11 -17.28 -7.82
CA ALA B 117 6.98 -16.97 -9.25
C ALA B 117 6.06 -18.02 -9.94
N TRP B 118 6.18 -19.32 -9.55
CA TRP B 118 5.38 -20.42 -10.09
C TRP B 118 3.93 -20.27 -9.66
N MET B 119 3.71 -19.82 -8.42
CA MET B 119 2.41 -19.62 -7.83
C MET B 119 1.69 -18.48 -8.51
N ALA B 120 2.43 -17.40 -8.86
CA ALA B 120 1.85 -16.25 -9.55
C ALA B 120 1.59 -16.60 -11.01
N THR B 121 2.42 -17.45 -11.62
CA THR B 121 2.19 -17.92 -12.99
C THR B 121 0.93 -18.79 -13.04
N TYR B 122 0.76 -19.77 -12.11
CA TYR B 122 -0.37 -20.69 -12.11
C TYR B 122 -1.68 -19.93 -11.93
N LEU B 123 -1.63 -18.91 -11.09
CA LEU B 123 -2.76 -18.04 -10.83
C LEU B 123 -3.19 -17.27 -12.06
N ASN B 124 -2.24 -16.63 -12.77
CA ASN B 124 -2.62 -15.82 -13.91
C ASN B 124 -3.05 -16.64 -15.14
N ASP B 125 -2.58 -17.90 -15.26
CA ASP B 125 -2.90 -18.75 -16.41
C ASP B 125 -4.07 -19.71 -16.20
N HIS B 126 -4.28 -20.18 -14.97
CA HIS B 126 -5.32 -21.16 -14.72
C HIS B 126 -6.46 -20.71 -13.82
N LEU B 127 -6.18 -19.81 -12.87
CA LEU B 127 -7.18 -19.46 -11.87
C LEU B 127 -7.83 -18.09 -12.05
N GLU B 128 -7.11 -17.06 -12.55
CA GLU B 128 -7.67 -15.73 -12.80
C GLU B 128 -8.94 -15.82 -13.67
N PRO B 129 -9.04 -16.61 -14.78
CA PRO B 129 -10.34 -16.69 -15.49
C PRO B 129 -11.48 -17.11 -14.56
N TRP B 130 -11.32 -18.23 -13.79
CA TRP B 130 -12.31 -18.70 -12.81
C TRP B 130 -12.60 -17.64 -11.73
N ILE B 131 -11.54 -17.03 -11.17
CA ILE B 131 -11.64 -16.00 -10.13
C ILE B 131 -12.48 -14.82 -10.63
N GLN B 132 -12.28 -14.41 -11.89
CA GLN B 132 -13.05 -13.31 -12.46
C GLN B 132 -14.48 -13.70 -12.74
N GLU B 133 -14.73 -14.95 -13.16
CA GLU B 133 -16.09 -15.42 -13.43
C GLU B 133 -16.94 -15.61 -12.16
N ASN B 134 -16.28 -15.88 -11.00
CA ASN B 134 -16.96 -16.14 -9.72
C ASN B 134 -16.94 -14.97 -8.75
N GLY B 135 -16.96 -13.75 -9.27
CA GLY B 135 -17.04 -12.51 -8.52
C GLY B 135 -15.75 -11.94 -7.96
N GLY B 136 -14.61 -12.43 -8.44
CA GLY B 136 -13.31 -11.94 -8.01
C GLY B 136 -12.95 -12.26 -6.58
N TRP B 137 -11.83 -11.67 -6.10
CA TRP B 137 -11.34 -11.84 -4.74
C TRP B 137 -12.24 -11.21 -3.69
N ASP B 138 -13.00 -10.19 -4.09
CA ASP B 138 -13.95 -9.50 -3.21
C ASP B 138 -15.02 -10.47 -2.69
N THR B 139 -15.39 -11.46 -3.55
CA THR B 139 -16.36 -12.53 -3.28
C THR B 139 -15.79 -13.52 -2.30
N PHE B 140 -14.48 -13.84 -2.41
CA PHE B 140 -13.79 -14.73 -1.49
C PHE B 140 -13.86 -14.16 -0.10
N VAL B 141 -13.53 -12.84 0.05
CA VAL B 141 -13.56 -12.11 1.33
C VAL B 141 -14.95 -12.16 1.90
N GLU B 142 -15.95 -11.94 1.02
CA GLU B 142 -17.36 -11.94 1.40
C GLU B 142 -17.78 -13.27 2.00
N LEU B 143 -17.49 -14.37 1.28
CA LEU B 143 -17.76 -15.73 1.68
C LEU B 143 -16.98 -16.19 2.88
N TYR B 144 -15.67 -15.97 2.89
CA TYR B 144 -14.84 -16.43 3.99
C TYR B 144 -15.19 -15.73 5.32
N GLY B 145 -15.20 -14.38 5.33
CA GLY B 145 -15.55 -13.59 6.49
C GLY B 145 -16.87 -14.02 7.12
N ASN B 146 -17.89 -14.34 6.28
CA ASN B 146 -19.21 -14.83 6.69
C ASN B 146 -19.06 -16.17 7.40
N ASN B 147 -18.32 -17.13 6.78
CA ASN B 147 -18.04 -18.48 7.28
C ASN B 147 -17.39 -18.47 8.66
N ALA B 148 -16.70 -17.37 9.03
CA ALA B 148 -16.14 -17.21 10.37
C ALA B 148 -17.33 -16.90 11.32
N ALA B 149 -17.99 -18.01 11.80
CA ALA B 149 -19.18 -18.08 12.66
C ALA B 149 -18.88 -18.64 14.07
N ALA B 150 -19.63 -18.14 15.10
CA ALA B 150 -19.54 -18.45 16.53
C ALA B 150 -20.90 -18.90 17.10
N GLN C 8 -26.10 18.06 -21.65
CA GLN C 8 -24.79 17.42 -21.88
C GLN C 8 -23.74 17.75 -20.75
N SER C 9 -23.50 19.06 -20.57
CA SER C 9 -22.69 19.76 -19.57
C SER C 9 -23.28 19.51 -18.17
N ASN C 10 -24.63 19.55 -18.03
CA ASN C 10 -25.31 19.33 -16.74
C ASN C 10 -25.05 17.94 -16.18
N ARG C 11 -24.95 16.92 -17.04
CA ARG C 11 -24.62 15.59 -16.56
C ARG C 11 -23.16 15.60 -16.06
N GLU C 12 -22.27 16.36 -16.74
CA GLU C 12 -20.88 16.47 -16.34
C GLU C 12 -20.76 17.15 -14.96
N LEU C 13 -21.62 18.14 -14.71
CA LEU C 13 -21.71 18.89 -13.47
C LEU C 13 -22.28 18.00 -12.35
N VAL C 14 -23.42 17.30 -12.60
CA VAL C 14 -24.03 16.39 -11.61
C VAL C 14 -23.01 15.30 -11.25
N VAL C 15 -22.37 14.67 -12.24
CA VAL C 15 -21.35 13.63 -11.99
C VAL C 15 -20.20 14.20 -11.13
N ASP C 16 -19.63 15.37 -11.51
CA ASP C 16 -18.57 15.98 -10.71
C ASP C 16 -18.95 16.25 -9.26
N PHE C 17 -20.14 16.83 -9.03
CA PHE C 17 -20.61 17.15 -7.68
C PHE C 17 -20.78 15.88 -6.85
N LEU C 18 -21.53 14.90 -7.37
CA LEU C 18 -21.78 13.60 -6.73
C LEU C 18 -20.48 12.88 -6.43
N SER C 19 -19.51 12.93 -7.35
CA SER C 19 -18.17 12.35 -7.19
C SER C 19 -17.56 12.92 -5.90
N TYR C 20 -17.58 14.26 -5.81
CA TYR C 20 -17.05 15.04 -4.72
C TYR C 20 -17.68 14.70 -3.39
N LYS C 21 -19.00 14.70 -3.32
CA LYS C 21 -19.71 14.39 -2.09
C LYS C 21 -19.48 12.96 -1.66
N LEU C 22 -19.34 12.04 -2.63
CA LEU C 22 -19.08 10.64 -2.30
C LEU C 22 -17.70 10.58 -1.65
N SER C 23 -16.67 11.12 -2.32
CA SER C 23 -15.29 11.24 -1.87
C SER C 23 -15.18 11.74 -0.43
N GLN C 24 -15.98 12.76 -0.05
CA GLN C 24 -16.04 13.37 1.29
C GLN C 24 -16.46 12.40 2.37
N LYS C 25 -16.96 11.21 2.01
CA LYS C 25 -17.35 10.16 2.96
C LYS C 25 -16.52 8.89 2.75
N GLY C 26 -15.50 8.98 1.90
CA GLY C 26 -14.60 7.88 1.61
C GLY C 26 -15.14 6.87 0.61
N TYR C 27 -16.17 7.28 -0.14
CA TYR C 27 -16.85 6.49 -1.19
C TYR C 27 -16.38 7.05 -2.51
N SER C 28 -16.54 6.31 -3.62
CA SER C 28 -16.12 6.84 -4.93
C SER C 28 -17.16 6.62 -6.03
N TRP C 29 -17.26 7.59 -6.94
CA TRP C 29 -18.18 7.55 -8.09
C TRP C 29 -17.72 6.47 -9.07
N SER C 30 -16.40 6.42 -9.34
CA SER C 30 -15.76 5.49 -10.26
C SER C 30 -14.35 5.27 -9.82
N GLN C 31 -13.65 4.34 -10.50
CA GLN C 31 -12.24 4.11 -10.21
C GLN C 31 -11.42 5.34 -10.59
N MET C 32 -11.78 6.04 -11.70
CA MET C 32 -11.13 7.27 -12.17
C MET C 32 -11.34 8.42 -11.17
N ALA C 33 -12.58 8.59 -10.66
CA ALA C 33 -12.89 9.64 -9.70
C ALA C 33 -12.05 9.43 -8.43
N ALA C 34 -11.89 8.14 -8.01
CA ALA C 34 -11.05 7.66 -6.90
C ALA C 34 -9.56 7.99 -7.06
N VAL C 35 -9.05 7.89 -8.31
CA VAL C 35 -7.66 8.19 -8.67
C VAL C 35 -7.41 9.69 -8.55
N LYS C 36 -8.25 10.48 -9.24
CA LYS C 36 -8.21 11.95 -9.22
C LYS C 36 -8.18 12.47 -7.76
N GLN C 37 -9.05 11.97 -6.82
CA GLN C 37 -8.95 12.42 -5.43
C GLN C 37 -7.62 12.03 -4.80
N ALA C 38 -7.14 10.80 -4.98
CA ALA C 38 -5.85 10.40 -4.36
C ALA C 38 -4.71 11.29 -4.81
N LEU C 39 -4.56 11.58 -6.14
CA LEU C 39 -3.53 12.49 -6.65
C LEU C 39 -3.67 13.91 -6.08
N ARG C 40 -4.90 14.46 -6.02
CA ARG C 40 -5.15 15.78 -5.43
C ARG C 40 -4.63 15.80 -4.01
N GLU C 41 -5.08 14.83 -3.17
CA GLU C 41 -4.68 14.69 -1.77
C GLU C 41 -3.16 14.55 -1.62
N ALA C 42 -2.57 13.64 -2.44
CA ALA C 42 -1.16 13.32 -2.46
C ALA C 42 -0.36 14.56 -2.83
N GLY C 43 -0.80 15.29 -3.87
CA GLY C 43 -0.21 16.54 -4.32
C GLY C 43 -0.25 17.55 -3.19
N ASP C 44 -1.45 17.72 -2.52
CA ASP C 44 -1.61 18.59 -1.36
C ASP C 44 -0.61 18.22 -0.28
N GLU C 45 -0.46 16.91 0.05
CA GLU C 45 0.46 16.45 1.09
C GLU C 45 1.90 16.77 0.70
N PHE C 46 2.29 16.44 -0.54
CA PHE C 46 3.64 16.68 -1.00
C PHE C 46 3.99 18.16 -0.89
N GLU C 47 3.11 19.02 -1.42
CA GLU C 47 3.26 20.47 -1.42
C GLU C 47 3.33 21.07 -0.01
N LEU C 48 2.65 20.44 0.95
CA LEU C 48 2.67 20.90 2.33
C LEU C 48 3.94 20.48 3.01
N ARG C 49 4.45 19.30 2.67
CA ARG C 49 5.67 18.72 3.24
C ARG C 49 6.95 19.25 2.62
N TYR C 50 6.94 19.61 1.32
CA TYR C 50 8.14 20.11 0.62
C TYR C 50 7.84 21.49 0.05
N ARG C 51 7.41 22.42 0.92
CA ARG C 51 7.00 23.79 0.61
C ARG C 51 8.12 24.63 -0.01
N ARG C 52 9.40 24.32 0.30
CA ARG C 52 10.57 25.06 -0.22
C ARG C 52 11.00 24.61 -1.64
N ALA C 53 10.52 23.46 -2.13
CA ALA C 53 10.79 22.97 -3.49
C ALA C 53 10.02 23.79 -4.57
N PHE C 54 9.24 24.81 -4.15
CA PHE C 54 8.39 25.66 -5.00
C PHE C 54 9.08 26.96 -5.48
N SER C 55 9.20 28.06 -4.67
CA SER C 55 9.83 29.30 -5.19
C SER C 55 11.35 29.11 -5.46
N ASP C 56 11.84 27.84 -5.31
CA ASP C 56 13.19 27.39 -5.65
C ASP C 56 13.12 26.73 -7.07
N LEU C 57 12.12 27.19 -7.88
CA LEU C 57 11.80 26.77 -9.27
C LEU C 57 11.36 27.97 -10.17
N THR C 58 10.93 29.10 -9.58
CA THR C 58 10.53 30.27 -10.39
C THR C 58 11.80 30.94 -10.95
N SER C 59 12.71 31.34 -10.03
CA SER C 59 14.02 31.98 -10.29
C SER C 59 15.15 30.94 -10.43
N GLN C 60 14.95 29.71 -9.86
CA GLN C 60 15.89 28.59 -9.92
C GLN C 60 15.33 27.43 -10.79
N LEU C 61 15.13 27.75 -12.10
CA LEU C 61 14.64 26.98 -13.25
C LEU C 61 14.39 27.98 -14.40
N HIS C 62 14.63 27.56 -15.65
CA HIS C 62 14.54 28.44 -16.80
C HIS C 62 13.28 28.30 -17.68
N ILE C 63 12.05 28.48 -17.12
CA ILE C 63 10.80 28.46 -17.91
C ILE C 63 10.53 29.84 -18.58
N THR C 64 10.12 29.82 -19.87
CA THR C 64 9.85 30.99 -20.74
C THR C 64 8.93 30.52 -21.91
N PRO C 65 8.35 31.43 -22.74
CA PRO C 65 7.49 30.96 -23.85
C PRO C 65 8.25 30.35 -25.05
N GLY C 66 9.56 30.15 -24.89
CA GLY C 66 10.47 29.58 -25.86
C GLY C 66 11.00 28.22 -25.45
N THR C 67 10.73 27.80 -24.18
CA THR C 67 11.09 26.52 -23.55
C THR C 67 10.50 25.35 -24.33
N ALA C 68 11.36 24.41 -24.71
CA ALA C 68 11.01 23.18 -25.43
C ALA C 68 10.60 22.07 -24.44
N TYR C 69 10.07 20.95 -24.97
CA TYR C 69 9.70 19.78 -24.17
C TYR C 69 10.95 19.18 -23.58
N GLN C 70 12.05 19.20 -24.35
CA GLN C 70 13.35 18.69 -23.94
C GLN C 70 13.89 19.34 -22.64
N SER C 71 13.58 20.63 -22.43
CA SER C 71 13.97 21.37 -21.23
C SER C 71 13.27 20.80 -20.02
N PHE C 72 11.94 20.57 -20.15
CA PHE C 72 11.06 19.98 -19.12
C PHE C 72 11.47 18.52 -18.85
N GLU C 73 11.52 17.70 -19.93
CA GLU C 73 11.89 16.29 -19.94
C GLU C 73 13.17 15.99 -19.18
N GLN C 74 14.20 16.86 -19.32
CA GLN C 74 15.48 16.69 -18.64
C GLN C 74 15.36 16.97 -17.14
N VAL C 75 14.60 18.00 -16.73
CA VAL C 75 14.37 18.31 -15.32
C VAL C 75 13.60 17.17 -14.65
N VAL C 76 12.62 16.61 -15.39
CA VAL C 76 11.80 15.48 -14.91
C VAL C 76 12.64 14.21 -14.84
N ASN C 77 13.58 14.03 -15.76
CA ASN C 77 14.52 12.90 -15.78
C ASN C 77 15.49 12.94 -14.57
N GLU C 78 15.71 14.13 -14.00
CA GLU C 78 16.54 14.28 -12.81
C GLU C 78 15.76 13.75 -11.61
N LEU C 79 14.43 14.00 -11.60
CA LEU C 79 13.51 13.53 -10.56
C LEU C 79 13.52 12.02 -10.49
N PHE C 80 13.49 11.35 -11.67
CA PHE C 80 13.44 9.89 -11.79
C PHE C 80 14.78 9.23 -12.05
N ARG C 81 15.88 9.85 -11.60
CA ARG C 81 17.20 9.29 -11.83
C ARG C 81 17.44 7.99 -11.07
N ASP C 82 17.11 7.90 -9.74
CA ASP C 82 17.29 6.65 -8.96
C ASP C 82 16.13 5.65 -9.16
N GLY C 83 15.21 5.97 -10.06
CA GLY C 83 14.07 5.13 -10.38
C GLY C 83 12.72 5.79 -10.12
N VAL C 84 11.67 5.14 -10.58
CA VAL C 84 10.29 5.57 -10.42
C VAL C 84 9.71 4.95 -9.13
N ASN C 85 8.85 5.68 -8.43
CA ASN C 85 8.10 5.25 -7.25
C ASN C 85 6.93 6.19 -7.10
N TRP C 86 5.86 5.78 -6.44
CA TRP C 86 4.67 6.62 -6.31
C TRP C 86 4.99 8.03 -5.76
N GLY C 87 5.75 8.11 -4.67
CA GLY C 87 6.16 9.39 -4.10
C GLY C 87 6.73 10.34 -5.13
N ARG C 88 7.55 9.78 -6.03
CA ARG C 88 8.21 10.50 -7.11
C ARG C 88 7.23 10.87 -8.23
N ILE C 89 6.22 10.02 -8.48
CA ILE C 89 5.21 10.32 -9.49
C ILE C 89 4.37 11.50 -8.99
N VAL C 90 4.02 11.50 -7.68
CA VAL C 90 3.29 12.57 -7.02
C VAL C 90 4.09 13.86 -7.17
N ALA C 91 5.42 13.82 -6.96
CA ALA C 91 6.29 14.98 -7.10
C ALA C 91 6.27 15.52 -8.52
N PHE C 92 6.19 14.65 -9.54
CA PHE C 92 6.11 14.98 -10.97
C PHE C 92 4.85 15.79 -11.24
N PHE C 93 3.70 15.29 -10.78
CA PHE C 93 2.39 15.97 -10.90
C PHE C 93 2.45 17.31 -10.23
N SER C 94 2.98 17.35 -8.98
CA SER C 94 3.16 18.54 -8.20
C SER C 94 4.02 19.58 -8.91
N PHE C 95 5.09 19.13 -9.56
CA PHE C 95 6.03 19.97 -10.29
C PHE C 95 5.34 20.63 -11.51
N GLY C 96 4.58 19.85 -12.25
CA GLY C 96 3.82 20.34 -13.39
C GLY C 96 2.78 21.38 -12.98
N GLY C 97 2.10 21.15 -11.86
CA GLY C 97 1.10 22.07 -11.33
C GLY C 97 1.73 23.36 -10.84
N ALA C 98 2.94 23.28 -10.26
CA ALA C 98 3.67 24.43 -9.74
C ALA C 98 4.14 25.28 -10.89
N LEU C 99 4.56 24.63 -11.98
CA LEU C 99 5.02 25.25 -13.21
C LEU C 99 3.87 25.98 -13.91
N CYS C 100 2.63 25.44 -13.86
CA CYS C 100 1.44 26.08 -14.44
C CYS C 100 1.08 27.34 -13.68
N VAL C 101 1.00 27.23 -12.34
CA VAL C 101 0.70 28.35 -11.44
C VAL C 101 1.73 29.49 -11.58
N GLU C 102 3.05 29.16 -11.46
CA GLU C 102 4.10 30.18 -11.63
C GLU C 102 4.02 30.81 -13.03
N SER C 103 3.53 30.04 -14.05
CA SER C 103 3.36 30.53 -15.42
C SER C 103 2.30 31.58 -15.45
N VAL C 104 1.12 31.31 -14.86
CA VAL C 104 -0.01 32.27 -14.82
C VAL C 104 0.39 33.53 -14.05
N ASP C 105 1.05 33.36 -12.86
CA ASP C 105 1.55 34.47 -12.00
C ASP C 105 2.48 35.39 -12.81
N LYS C 106 3.40 34.79 -13.61
CA LYS C 106 4.37 35.46 -14.49
C LYS C 106 3.75 35.97 -15.83
N GLU C 107 2.43 35.91 -15.97
CA GLU C 107 1.65 36.35 -17.16
C GLU C 107 1.96 35.54 -18.47
N MET C 108 2.43 34.30 -18.32
CA MET C 108 2.74 33.39 -19.43
C MET C 108 1.72 32.26 -19.49
N GLN C 109 0.43 32.60 -19.50
CA GLN C 109 -0.67 31.62 -19.45
C GLN C 109 -0.76 30.64 -20.65
N VAL C 110 -0.01 30.89 -21.76
CA VAL C 110 0.06 29.97 -22.92
C VAL C 110 0.88 28.73 -22.56
N LEU C 111 1.76 28.85 -21.53
CA LEU C 111 2.54 27.71 -21.05
C LEU C 111 1.68 26.65 -20.37
N VAL C 112 0.46 27.00 -19.93
CA VAL C 112 -0.45 26.07 -19.22
C VAL C 112 -0.87 24.90 -20.12
N SER C 113 -1.27 25.19 -21.35
CA SER C 113 -1.67 24.20 -22.34
C SER C 113 -0.45 23.33 -22.72
N ARG C 114 0.72 24.00 -22.87
CA ARG C 114 2.02 23.39 -23.21
C ARG C 114 2.51 22.42 -22.10
N ILE C 115 2.56 22.85 -20.80
CA ILE C 115 2.96 22.02 -19.64
C ILE C 115 2.05 20.79 -19.56
N ALA C 116 0.75 20.99 -19.69
CA ALA C 116 -0.24 19.93 -19.70
C ALA C 116 0.04 18.81 -20.76
N ALA C 117 0.52 19.21 -21.93
CA ALA C 117 0.85 18.31 -23.03
C ALA C 117 2.16 17.53 -22.77
N TRP C 118 3.17 18.22 -22.20
CA TRP C 118 4.50 17.74 -21.84
C TRP C 118 4.42 16.72 -20.74
N MET C 119 3.52 16.95 -19.78
CA MET C 119 3.29 16.06 -18.64
C MET C 119 2.72 14.76 -19.14
N ALA C 120 1.70 14.84 -20.02
CA ALA C 120 1.02 13.68 -20.57
C ALA C 120 1.96 12.91 -21.43
N THR C 121 2.88 13.61 -22.16
CA THR C 121 3.90 12.95 -23.01
C THR C 121 4.86 12.18 -22.15
N TYR C 122 5.40 12.83 -21.11
CA TYR C 122 6.35 12.18 -20.20
C TYR C 122 5.79 10.93 -19.54
N LEU C 123 4.51 10.94 -19.18
CA LEU C 123 3.78 9.84 -18.57
C LEU C 123 3.65 8.68 -19.52
N ASN C 124 3.22 8.93 -20.77
CA ASN C 124 3.01 7.82 -21.71
C ASN C 124 4.30 7.17 -22.23
N ASP C 125 5.41 7.89 -22.20
CA ASP C 125 6.70 7.39 -22.69
C ASP C 125 7.60 6.83 -21.59
N HIS C 126 7.56 7.39 -20.37
CA HIS C 126 8.48 6.99 -19.32
C HIS C 126 7.84 6.34 -18.09
N LEU C 127 6.62 6.70 -17.73
CA LEU C 127 6.03 6.23 -16.49
C LEU C 127 4.91 5.20 -16.64
N GLU C 128 4.12 5.22 -17.74
CA GLU C 128 3.06 4.23 -17.99
C GLU C 128 3.58 2.81 -17.87
N PRO C 129 4.75 2.42 -18.46
CA PRO C 129 5.26 1.05 -18.24
C PRO C 129 5.36 0.71 -16.75
N TRP C 130 6.03 1.57 -15.94
CA TRP C 130 6.18 1.36 -14.49
C TRP C 130 4.85 1.31 -13.78
N ILE C 131 3.98 2.29 -14.05
CA ILE C 131 2.66 2.37 -13.44
C ILE C 131 1.94 1.04 -13.67
N GLN C 132 1.89 0.54 -14.94
CA GLN C 132 1.21 -0.72 -15.27
C GLN C 132 1.86 -1.93 -14.61
N GLU C 133 3.20 -1.94 -14.46
CA GLU C 133 3.88 -3.05 -13.80
C GLU C 133 3.64 -3.09 -12.27
N ASN C 134 3.34 -1.94 -11.66
CA ASN C 134 3.13 -1.83 -10.20
C ASN C 134 1.67 -1.74 -9.78
N GLY C 135 0.80 -2.39 -10.54
CA GLY C 135 -0.62 -2.54 -10.25
C GLY C 135 -1.56 -1.46 -10.68
N GLY C 136 -1.08 -0.57 -11.55
CA GLY C 136 -1.89 0.54 -12.05
C GLY C 136 -2.22 1.59 -11.00
N TRP C 137 -3.07 2.55 -11.38
CA TRP C 137 -3.45 3.65 -10.52
C TRP C 137 -4.35 3.22 -9.37
N ASP C 138 -5.05 2.09 -9.56
CA ASP C 138 -5.91 1.50 -8.53
C ASP C 138 -5.10 1.12 -7.30
N THR C 139 -3.82 0.71 -7.50
CA THR C 139 -2.84 0.34 -6.47
C THR C 139 -2.41 1.57 -5.69
N PHE C 140 -2.22 2.71 -6.39
CA PHE C 140 -1.85 3.97 -5.77
C PHE C 140 -2.93 4.40 -4.80
N VAL C 141 -4.20 4.32 -5.23
CA VAL C 141 -5.39 4.65 -4.42
C VAL C 141 -5.43 3.76 -3.18
N GLU C 142 -5.26 2.43 -3.34
CA GLU C 142 -5.27 1.45 -2.25
C GLU C 142 -4.16 1.77 -1.21
N LEU C 143 -2.92 2.01 -1.67
CA LEU C 143 -1.79 2.43 -0.83
C LEU C 143 -2.02 3.79 -0.15
N TYR C 144 -2.74 4.72 -0.80
CA TYR C 144 -2.98 6.02 -0.19
C TYR C 144 -3.94 5.97 1.03
N GLY C 145 -4.80 4.96 1.13
CA GLY C 145 -5.74 4.79 2.24
C GLY C 145 -7.14 5.26 1.94
N ASN C 146 -7.35 5.69 0.70
CA ASN C 146 -8.62 6.23 0.28
C ASN C 146 -9.78 5.22 0.26
N ASN C 147 -9.44 3.93 0.18
CA ASN C 147 -10.30 2.75 0.18
C ASN C 147 -10.59 2.13 1.56
N ALA C 148 -10.26 2.83 2.69
CA ALA C 148 -10.44 2.36 4.08
C ALA C 148 -11.89 2.19 4.33
N ALA C 149 -12.25 1.09 4.99
CA ALA C 149 -13.64 0.74 5.21
C ALA C 149 -13.84 0.09 6.55
N ALA C 150 -15.11 -0.04 6.94
CA ALA C 150 -15.42 -0.75 8.16
C ALA C 150 -15.54 -2.28 7.92
N GLU C 151 -16.48 -2.93 8.61
CA GLU C 151 -16.73 -4.37 8.55
C GLU C 151 -17.20 -4.78 7.12
N SER C 152 -17.78 -3.79 6.39
CA SER C 152 -18.32 -3.91 5.05
C SER C 152 -17.85 -2.73 4.19
N ARG C 153 -17.26 -3.02 3.01
CA ARG C 153 -16.83 -1.99 2.07
C ARG C 153 -18.03 -1.61 1.25
N LYS C 154 -18.50 -0.36 1.41
CA LYS C 154 -19.70 0.15 0.74
C LYS C 154 -19.30 1.07 -0.42
N GLY C 155 -19.43 0.56 -1.65
CA GLY C 155 -19.07 1.28 -2.88
C GLY C 155 -17.71 1.95 -2.87
N1 QHV D . 10.54 0.98 26.89
C4 QHV D . 13.23 -0.83 24.21
C5 QHV D . 12.53 -1.43 23.03
C6 QHV D . 13.25 -2.02 22.00
C7 QHV D . 12.61 -2.64 20.93
C8 QHV D . 11.22 -2.68 20.89
C10 QHV D . 11.14 -1.48 22.97
C13 QHV D . 7.07 -0.60 25.45
C15 QHV D . 7.16 -2.92 24.81
C17 QHV D . 7.14 -3.66 22.41
C20 QHV D . 6.96 3.39 26.52
C21 QHV D . 6.30 3.54 27.74
C22 QHV D . 5.14 4.31 27.82
C24 QHV D . 3.26 5.57 26.73
C26 QHV D . 1.77 7.34 25.90
C28 QHV D . 2.18 9.77 25.62
CL QHV D . -2.39 4.18 21.55
C36 QHV D . -1.47 5.41 22.37
C35 QHV D . -0.09 5.41 22.28
C34 QHV D . 0.63 6.46 22.81
C37 QHV D . -2.13 6.42 23.04
C38 QHV D . -1.41 7.48 23.57
C33 QHV D . -0.02 7.53 23.44
C32 QHV D . 0.76 8.68 23.98
C31 QHV D . 0.57 9.93 23.37
C30 QHV D . 1.15 11.07 23.89
C29 QHV D . 1.95 10.99 25.01
C27 QHV D . 1.58 8.60 25.13
C25 QHV D . 3.06 6.81 26.10
C39 QHV D . 0.68 6.62 26.39
C40 QHV D . 0.86 5.41 27.04
C41 QHV D . 2.14 4.89 27.21
C23 QHV D . 4.60 4.92 26.69
C42 QHV D . 5.29 4.79 25.49
C43 QHV D . 6.45 4.03 25.40
C QHV D . 8.21 2.57 26.34
O QHV D . 9.18 3.05 25.81
N QHV D . 8.20 1.22 26.73
C12 QHV D . 6.97 0.46 26.53
C19 QHV D . 7.02 -0.26 24.11
C18 QHV D . 7.03 -1.24 23.13
C16 QHV D . 7.11 -2.58 23.47
C14 QHV D . 7.15 -1.94 25.79
C1 QHV D . 9.32 0.56 27.33
O3 QHV D . 9.15 -0.31 28.18
C2 QHV D . 11.83 0.67 27.51
C11 QHV D . 12.10 1.62 28.69
O2 QHV D . 12.36 1.09 29.82
O1 QHV D . 12.05 2.85 28.46
C3 QHV D . 13.00 0.75 26.52
S QHV D . 12.69 0.84 24.74
C9 QHV D . 10.49 -2.10 21.91
C1 EDO E . 23.11 2.16 17.88
O1 EDO E . 23.84 2.34 19.10
C2 EDO E . 23.78 1.10 16.95
O2 EDO E . 24.64 1.74 16.01
N1 QHV F . -14.53 -27.41 0.44
C4 QHV F . -15.23 -23.87 0.89
C5 QHV F . -14.67 -22.50 1.16
C6 QHV F . -15.40 -21.35 0.85
C7 QHV F . -14.87 -20.09 1.12
C8 QHV F . -13.64 -19.96 1.72
C10 QHV F . -13.43 -22.35 1.80
C13 QHV F . -11.28 -26.44 3.24
C15 QHV F . -11.53 -24.80 4.99
C17 QHV F . -10.54 -22.49 4.84
C20 QHV F . -10.54 -28.81 0.14
C21 QHV F . -10.42 -30.00 0.84
C22 QHV F . -9.21 -30.69 0.86
C24 QHV F . -6.79 -30.92 0.23
C26 QHV F . -4.71 -31.63 -0.84
C28 QHV F . -4.27 -32.45 -3.15
CL QHV F . -0.45 -27.74 2.42
C36 QHV F . -1.11 -28.74 1.15
C35 QHV F . -2.22 -28.31 0.46
C34 QHV F . -2.68 -29.05 -0.61
C37 QHV F . -0.45 -29.89 0.80
C38 QHV F . -0.91 -30.63 -0.28
C33 QHV F . -2.03 -30.23 -1.00
C32 QHV F . -2.57 -31.07 -2.11
C31 QHV F . -1.80 -31.20 -3.28
C30 QHV F . -2.27 -31.93 -4.36
C29 QHV F . -3.50 -32.56 -4.29
C27 QHV F . -3.83 -31.71 -2.04
C25 QHV F . -5.93 -30.96 -0.88
C39 QHV F . -4.33 -32.25 0.36
C40 QHV F . -5.16 -32.20 1.46
C41 QHV F . -6.37 -31.54 1.41
C23 QHV F . -8.10 -30.22 0.15
C42 QHV F . -8.25 -29.04 -0.59
C43 QHV F . -9.44 -28.34 -0.59
C QHV F . -11.77 -27.96 0.21
O QHV F . -12.18 -27.41 -0.80
N QHV F . -12.42 -27.74 1.45
C12 QHV F . -11.59 -27.80 2.67
C19 QHV F . -10.54 -25.50 2.52
C18 QHV F . -10.31 -24.23 3.03
C16 QHV F . -10.81 -23.86 4.27
C14 QHV F . -11.77 -26.07 4.48
C1 QHV F . -13.82 -27.37 1.60
O3 QHV F . -14.28 -27.02 2.68
C2 QHV F . -15.93 -27.01 0.31
C11 QHV F . -16.86 -28.22 0.10
O2 QHV F . -18.02 -28.14 0.56
O1 QHV F . -16.39 -29.22 -0.51
C3 QHV F . -16.12 -26.00 -0.83
S QHV F . -15.14 -24.47 -0.83
C9 QHV F . -12.92 -21.08 2.07
N1 QHV G . 9.10 8.83 -0.08
C4 QHV G . 6.17 7.53 -1.04
C5 QHV G . 4.68 7.37 -1.27
C6 QHV G . 4.14 6.16 -1.69
C7 QHV G . 2.78 5.96 -1.75
C8 QHV G . 1.92 6.99 -1.40
C10 QHV G . 3.81 8.40 -0.96
C13 QHV G . 6.49 12.41 -0.53
C15 QHV G . 4.26 12.84 0.30
C17 QHV G . 2.20 12.26 -1.02
C20 QHV G . 9.96 12.27 -2.42
C21 QHV G . 10.73 13.12 -1.63
C22 QHV G . 11.28 14.27 -2.17
C24 QHV G . 11.54 15.93 -4.03
C26 QHV G . 12.30 17.29 -5.91
C28 QHV G . 13.77 16.74 -7.82
CL QHV G . 6.86 21.14 -6.83
C36 QHV G . 8.29 20.29 -7.33
C35 QHV G . 8.33 18.91 -7.22
C34 QHV G . 9.51 18.25 -7.50
C37 QHV G . 9.39 21.01 -7.73
C38 QHV G . 10.58 20.35 -8.00
C33 QHV G . 10.66 18.95 -7.88
C32 QHV G . 11.91 18.23 -8.26
C31 QHV G . 12.36 18.36 -9.57
C30 QHV G . 13.49 17.67 -10.00
C29 QHV G . 14.19 16.87 -9.13
C27 QHV G . 12.64 17.41 -7.35
C25 QHV G . 11.98 16.05 -5.35
C39 QHV G . 12.19 18.43 -5.10
C40 QHV G . 11.78 18.32 -3.79
C41 QHV G . 11.46 17.09 -3.25
C23 QHV G . 11.06 14.63 -3.50
C42 QHV G . 10.30 13.76 -4.29
C43 QHV G . 9.76 12.60 -3.77
C QHV G . 9.33 11.02 -1.89
O QHV G . 9.42 9.98 -2.53
N QHV G . 8.58 11.06 -0.68
C12 QHV G . 7.98 12.34 -0.30
C19 QHV G . 5.93 11.91 -1.69
C18 QHV G . 4.55 11.86 -1.84
C16 QHV G . 3.70 12.32 -0.85
C14 QHV G . 5.64 12.90 0.46
C1 QHV G . 8.30 9.90 0.14
O3 QHV G . 7.39 9.92 0.95
C2 QHV G . 8.83 7.50 0.48
C11 QHV G . 9.80 7.14 1.62
O2 QHV G . 9.47 6.19 2.39
O1 QHV G . 10.84 7.83 1.75
C3 QHV G . 8.83 6.43 -0.63
S QHV G . 7.28 6.17 -1.54
C9 QHV G . 2.44 8.22 -1.02
#